data_1RCQ
#
_entry.id   1RCQ
#
_cell.length_a   72.679
_cell.length_b   76.129
_cell.length_c   136.266
_cell.angle_alpha   90.00
_cell.angle_beta   90.00
_cell.angle_gamma   90.00
#
_symmetry.space_group_name_H-M   'C 2 2 21'
#
loop_
_entity.id
_entity.type
_entity.pdbx_description
1 polymer 'catabolic alanine racemase DadX'
2 non-polymer "PYRIDOXAL-5'-PHOSPHATE"
3 non-polymer D-LYSINE
4 water water
#
_entity_poly.entity_id   1
_entity_poly.type   'polypeptide(L)'
_entity_poly.pdbx_seq_one_letter_code
;MRPARALIDLQALRHNYRLAREATGARALAVIKADAYGHGAVRCAEALAAEADGFAVACIEEGLELREAGIRQPILLLEG
FFEASELELIVAHDFWCVVHCAWQLEAIERASLARPLNVWL(KCX)MDSGMHRVGFFPEDFRAAHERLRASGKVAKIVMM
SHFSRADELDCPRTEEQLAAFSAASQGLEGEISLRNSPAVLGWPKVPSDWVRPGILLYGATPFERAHPLADRLRPVMTLE
SKVISVRDLPAGEPVGYGARYSTERRQRIGVVAMGYADGYPRHAADGTLVFIDGKPGRLVGRVSMDMLTVDLTDHPQAGL
GSRVELWGPNVPVGALAAQFGSIPYQLLCNLKRVPRVYSGA
;
_entity_poly.pdbx_strand_id   A
#
# COMPACT_ATOMS: atom_id res chain seq x y z
N MET A 1 27.23 -12.98 3.30
CA MET A 1 26.44 -12.13 2.43
C MET A 1 26.04 -10.83 3.12
N ARG A 2 25.47 -9.89 2.38
CA ARG A 2 25.08 -8.64 2.97
C ARG A 2 23.98 -8.79 4.03
N PRO A 3 24.09 -8.14 5.17
CA PRO A 3 23.12 -8.35 6.26
C PRO A 3 21.76 -7.67 6.11
N ALA A 4 21.49 -6.99 5.02
CA ALA A 4 20.21 -6.34 4.77
C ALA A 4 19.07 -7.34 4.62
N ARG A 5 17.89 -7.06 5.16
CA ARG A 5 16.73 -7.91 4.89
C ARG A 5 15.47 -7.19 5.32
N ALA A 6 14.36 -7.72 4.79
CA ALA A 6 13.06 -7.20 5.13
C ALA A 6 12.24 -8.34 5.73
N LEU A 7 11.86 -8.17 6.98
CA LEU A 7 11.00 -9.15 7.64
C LEU A 7 9.54 -8.81 7.35
N ILE A 8 8.77 -9.81 6.99
CA ILE A 8 7.35 -9.63 6.72
C ILE A 8 6.53 -10.49 7.68
N ASP A 9 5.83 -9.83 8.61
CA ASP A 9 5.07 -10.52 9.63
C ASP A 9 3.65 -10.76 9.14
N LEU A 10 3.34 -11.97 8.69
CA LEU A 10 2.05 -12.32 8.12
C LEU A 10 0.97 -12.41 9.20
N GLN A 11 1.33 -12.60 10.48
CA GLN A 11 0.32 -12.59 11.54
C GLN A 11 -0.23 -11.17 11.66
N ALA A 12 0.70 -10.21 11.57
CA ALA A 12 0.35 -8.79 11.66
C ALA A 12 -0.57 -8.45 10.48
N LEU A 13 -0.23 -9.00 9.32
CA LEU A 13 -1.07 -8.79 8.14
C LEU A 13 -2.50 -9.28 8.40
N ARG A 14 -2.67 -10.49 8.94
CA ARG A 14 -4.01 -11.05 9.20
C ARG A 14 -4.75 -10.21 10.23
N HIS A 15 -4.01 -9.85 11.28
CA HIS A 15 -4.57 -8.97 12.30
C HIS A 15 -5.17 -7.71 11.68
N ASN A 16 -4.41 -7.12 10.76
CA ASN A 16 -4.83 -5.82 10.23
C ASN A 16 -6.02 -5.98 9.28
N TYR A 17 -6.03 -7.03 8.48
CA TYR A 17 -7.19 -7.34 7.63
C TYR A 17 -8.44 -7.51 8.49
N ARG A 18 -8.31 -8.26 9.57
CA ARG A 18 -9.44 -8.54 10.47
C ARG A 18 -9.98 -7.25 11.08
N LEU A 19 -9.07 -6.37 11.46
CA LEU A 19 -9.50 -5.06 11.99
C LEU A 19 -10.42 -4.37 11.00
N ALA A 20 -10.04 -4.40 9.73
CA ALA A 20 -10.83 -3.69 8.70
C ALA A 20 -12.24 -4.27 8.61
N ARG A 21 -12.32 -5.61 8.59
CA ARG A 21 -13.62 -6.27 8.51
C ARG A 21 -14.45 -5.95 9.76
N GLU A 22 -13.79 -6.05 10.91
CA GLU A 22 -14.51 -5.84 12.18
C GLU A 22 -15.01 -4.41 12.27
N ALA A 23 -14.21 -3.45 11.83
CA ALA A 23 -14.60 -2.06 11.97
C ALA A 23 -15.76 -1.67 11.07
N THR A 24 -15.93 -2.45 10.00
CA THR A 24 -16.89 -2.02 8.98
C THR A 24 -18.13 -2.87 8.87
N GLY A 25 -18.04 -4.15 9.24
CA GLY A 25 -19.11 -5.10 9.06
C GLY A 25 -19.38 -5.50 7.63
N ALA A 26 -18.49 -5.15 6.71
CA ALA A 26 -18.44 -5.30 5.29
C ALA A 26 -17.46 -6.37 4.83
N ARG A 27 -17.70 -6.80 3.61
CA ARG A 27 -16.76 -7.70 2.94
C ARG A 27 -15.55 -6.86 2.56
N ALA A 28 -14.37 -7.44 2.58
CA ALA A 28 -13.18 -6.63 2.32
C ALA A 28 -12.26 -7.27 1.30
N LEU A 29 -11.96 -6.48 0.26
CA LEU A 29 -10.94 -6.83 -0.68
C LEU A 29 -9.59 -6.33 -0.18
N ALA A 30 -8.71 -7.33 0.00
CA ALA A 30 -7.34 -6.97 0.38
C ALA A 30 -6.61 -6.43 -0.85
N VAL A 31 -6.24 -5.15 -0.77
CA VAL A 31 -5.59 -4.48 -1.89
C VAL A 31 -4.10 -4.77 -1.86
N ILE A 32 -3.66 -5.54 -2.85
CA ILE A 32 -2.29 -6.07 -2.92
C ILE A 32 -1.67 -5.80 -4.28
N LYS A 33 -2.15 -4.68 -4.90
CA LYS A 33 -1.44 -4.17 -6.06
C LYS A 33 0.03 -3.84 -5.75
N ALA A 34 0.79 -3.68 -6.82
CA ALA A 34 2.21 -3.36 -6.69
C ALA A 34 2.96 -4.33 -5.77
N ASP A 35 2.76 -5.62 -6.00
CA ASP A 35 3.40 -6.68 -5.23
C ASP A 35 3.11 -6.52 -3.73
N ALA A 36 1.83 -6.35 -3.42
CA ALA A 36 1.35 -6.08 -2.06
C ALA A 36 2.14 -4.92 -1.46
N TYR A 37 2.19 -3.81 -2.19
CA TYR A 37 2.90 -2.61 -1.77
C TYR A 37 4.32 -2.95 -1.33
N GLY A 38 5.01 -3.79 -2.11
CA GLY A 38 6.32 -4.25 -1.83
C GLY A 38 6.53 -5.43 -0.89
N HIS A 39 5.46 -5.92 -0.27
CA HIS A 39 5.56 -6.98 0.70
C HIS A 39 5.52 -8.38 0.12
N GLY A 40 5.08 -8.53 -1.12
CA GLY A 40 5.00 -9.80 -1.83
C GLY A 40 3.56 -10.21 -1.99
N ALA A 41 3.04 -10.02 -3.19
CA ALA A 41 1.62 -10.31 -3.38
C ALA A 41 1.24 -11.77 -3.17
N VAL A 42 2.05 -12.68 -3.72
CA VAL A 42 1.66 -14.10 -3.60
C VAL A 42 1.65 -14.50 -2.12
N ARG A 43 2.70 -14.13 -1.38
CA ARG A 43 2.79 -14.61 0.00
C ARG A 43 1.72 -13.98 0.87
N CYS A 44 1.45 -12.70 0.61
CA CYS A 44 0.40 -12.06 1.39
C CYS A 44 -0.98 -12.61 1.07
N ALA A 45 -1.25 -12.86 -0.22
CA ALA A 45 -2.52 -13.51 -0.59
C ALA A 45 -2.63 -14.89 0.01
N GLU A 46 -1.55 -15.67 -0.01
CA GLU A 46 -1.64 -17.01 0.55
C GLU A 46 -1.99 -16.93 2.04
N ALA A 47 -1.39 -15.95 2.72
CA ALA A 47 -1.64 -15.80 4.16
C ALA A 47 -3.07 -15.39 4.51
N LEU A 48 -3.68 -14.60 3.62
CA LEU A 48 -5.04 -14.15 3.81
C LEU A 48 -6.12 -15.00 3.17
N ALA A 49 -5.74 -15.95 2.32
CA ALA A 49 -6.65 -16.75 1.53
C ALA A 49 -7.77 -17.41 2.32
N ALA A 50 -7.48 -17.92 3.51
CA ALA A 50 -8.44 -18.65 4.29
C ALA A 50 -9.56 -17.76 4.81
N GLU A 51 -9.27 -16.47 4.92
CA GLU A 51 -10.27 -15.61 5.56
C GLU A 51 -10.70 -14.42 4.73
N ALA A 52 -10.02 -14.14 3.65
CA ALA A 52 -10.33 -12.98 2.80
C ALA A 52 -11.51 -13.14 1.87
N ASP A 53 -12.31 -12.07 1.78
CA ASP A 53 -13.40 -12.10 0.82
C ASP A 53 -12.89 -12.03 -0.63
N GLY A 54 -11.66 -11.56 -0.81
CA GLY A 54 -11.09 -11.35 -2.13
C GLY A 54 -9.87 -10.44 -2.07
N PHE A 55 -9.29 -10.23 -3.25
CA PHE A 55 -8.13 -9.42 -3.45
C PHE A 55 -8.34 -8.38 -4.53
N ALA A 56 -7.57 -7.31 -4.50
CA ALA A 56 -7.58 -6.37 -5.61
C ALA A 56 -6.14 -6.03 -6.04
N VAL A 57 -5.95 -5.93 -7.34
CA VAL A 57 -4.64 -5.67 -7.94
C VAL A 57 -4.79 -4.62 -9.04
N ALA A 58 -3.67 -4.14 -9.59
CA ALA A 58 -3.68 -3.03 -10.55
C ALA A 58 -3.93 -3.43 -11.99
N CYS A 59 -3.75 -4.71 -12.32
CA CYS A 59 -3.70 -5.11 -13.72
C CYS A 59 -3.75 -6.63 -13.84
N ILE A 60 -4.04 -7.07 -15.06
CA ILE A 60 -4.24 -8.48 -15.31
C ILE A 60 -3.00 -9.30 -14.99
N GLU A 61 -1.80 -8.74 -15.18
CA GLU A 61 -0.62 -9.56 -14.86
C GLU A 61 -0.48 -9.85 -13.37
N GLU A 62 -0.76 -8.84 -12.54
CA GLU A 62 -0.81 -9.08 -11.09
C GLU A 62 -1.87 -10.10 -10.74
N GLY A 63 -2.97 -10.10 -11.46
CA GLY A 63 -4.06 -11.07 -11.27
C GLY A 63 -3.64 -12.48 -11.63
N LEU A 64 -2.98 -12.59 -12.79
CA LEU A 64 -2.52 -13.87 -13.28
C LEU A 64 -1.46 -14.47 -12.35
N GLU A 65 -0.66 -13.61 -11.76
CA GLU A 65 0.37 -14.05 -10.83
C GLU A 65 -0.25 -14.82 -9.68
N LEU A 66 -1.36 -14.26 -9.20
CA LEU A 66 -2.07 -14.87 -8.10
C LEU A 66 -2.74 -16.19 -8.49
N ARG A 67 -3.40 -16.21 -9.65
CA ARG A 67 -4.01 -17.42 -10.13
C ARG A 67 -2.97 -18.51 -10.33
N GLU A 68 -1.82 -18.17 -10.92
CA GLU A 68 -0.77 -19.18 -11.14
C GLU A 68 -0.33 -19.79 -9.80
N ALA A 69 -0.35 -18.98 -8.73
CA ALA A 69 0.03 -19.45 -7.41
C ALA A 69 -1.07 -20.20 -6.70
N GLY A 70 -2.25 -20.30 -7.27
CA GLY A 70 -3.32 -21.12 -6.69
C GLY A 70 -4.37 -20.36 -5.91
N ILE A 71 -4.35 -19.02 -5.99
CA ILE A 71 -5.38 -18.25 -5.31
C ILE A 71 -6.71 -18.35 -6.03
N ARG A 72 -7.72 -18.82 -5.30
CA ARG A 72 -9.03 -19.11 -5.79
C ARG A 72 -10.08 -18.09 -5.34
N GLN A 73 -9.73 -17.20 -4.40
CA GLN A 73 -10.62 -16.13 -3.95
C GLN A 73 -10.86 -15.14 -5.08
N PRO A 74 -11.95 -14.38 -5.01
CA PRO A 74 -12.14 -13.33 -6.02
C PRO A 74 -10.95 -12.40 -6.15
N ILE A 75 -10.64 -11.95 -7.35
CA ILE A 75 -9.64 -10.98 -7.69
C ILE A 75 -10.24 -9.89 -8.60
N LEU A 76 -10.14 -8.66 -8.10
CA LEU A 76 -10.57 -7.46 -8.82
C LEU A 76 -9.44 -6.73 -9.52
N LEU A 77 -9.61 -6.47 -10.82
CA LEU A 77 -8.66 -5.64 -11.59
C LEU A 77 -9.13 -4.20 -11.48
N LEU A 78 -8.45 -3.41 -10.66
CA LEU A 78 -8.84 -2.09 -10.26
C LEU A 78 -8.86 -1.03 -11.38
N GLU A 79 -8.11 -1.28 -12.45
CA GLU A 79 -8.18 -0.36 -13.58
C GLU A 79 -8.84 -1.02 -14.77
N GLY A 80 -9.40 -2.22 -14.59
CA GLY A 80 -9.94 -2.98 -15.72
C GLY A 80 -8.84 -3.46 -16.64
N PHE A 81 -9.24 -3.57 -17.90
CA PHE A 81 -8.34 -4.00 -18.99
C PHE A 81 -7.76 -2.78 -19.70
N PHE A 82 -6.53 -2.92 -20.21
CA PHE A 82 -5.87 -1.84 -20.94
C PHE A 82 -5.98 -2.01 -22.44
N GLU A 83 -6.27 -3.24 -22.83
CA GLU A 83 -6.45 -3.73 -24.17
C GLU A 83 -7.63 -4.69 -24.16
N ALA A 84 -8.50 -4.56 -25.15
CA ALA A 84 -9.66 -5.44 -25.25
C ALA A 84 -9.29 -6.90 -25.42
N SER A 85 -8.09 -7.16 -25.93
CA SER A 85 -7.60 -8.52 -26.10
C SER A 85 -7.44 -9.22 -24.75
N GLU A 86 -7.43 -8.52 -23.63
CA GLU A 86 -7.38 -9.17 -22.32
C GLU A 86 -8.67 -9.87 -21.90
N LEU A 87 -9.78 -9.54 -22.57
CA LEU A 87 -11.08 -10.02 -22.10
C LEU A 87 -11.24 -11.52 -22.05
N GLU A 88 -10.70 -12.28 -22.99
CA GLU A 88 -10.89 -13.73 -22.92
C GLU A 88 -10.23 -14.33 -21.69
N LEU A 89 -9.05 -13.83 -21.32
CA LEU A 89 -8.45 -14.39 -20.11
C LEU A 89 -9.08 -13.82 -18.85
N ILE A 90 -9.64 -12.60 -18.93
CA ILE A 90 -10.35 -12.08 -17.75
C ILE A 90 -11.52 -12.98 -17.44
N VAL A 91 -12.25 -13.37 -18.48
CA VAL A 91 -13.39 -14.26 -18.27
C VAL A 91 -12.91 -15.61 -17.80
N ALA A 92 -11.89 -16.17 -18.45
CA ALA A 92 -11.47 -17.54 -18.10
C ALA A 92 -10.89 -17.68 -16.70
N HIS A 93 -10.25 -16.62 -16.20
CA HIS A 93 -9.70 -16.64 -14.87
C HIS A 93 -10.67 -16.04 -13.85
N ASP A 94 -11.89 -15.71 -14.29
CA ASP A 94 -12.91 -15.17 -13.42
C ASP A 94 -12.47 -13.94 -12.62
N PHE A 95 -11.86 -13.00 -13.30
CA PHE A 95 -11.46 -11.73 -12.68
C PHE A 95 -12.67 -10.82 -12.68
N TRP A 96 -12.91 -10.21 -11.53
CA TRP A 96 -13.86 -9.10 -11.43
C TRP A 96 -13.14 -7.92 -12.08
N CYS A 97 -13.83 -7.09 -12.84
CA CYS A 97 -13.25 -6.06 -13.66
C CYS A 97 -13.90 -4.70 -13.53
N VAL A 98 -13.05 -3.77 -13.13
CA VAL A 98 -13.46 -2.37 -13.14
C VAL A 98 -13.70 -1.93 -14.57
N VAL A 99 -14.78 -1.17 -14.73
CA VAL A 99 -15.02 -0.44 -15.98
C VAL A 99 -15.11 1.04 -15.64
N HIS A 100 -14.18 1.88 -16.11
CA HIS A 100 -14.08 3.26 -15.66
C HIS A 100 -14.23 4.27 -16.78
N CYS A 101 -14.38 3.76 -18.01
CA CYS A 101 -14.41 4.70 -19.14
C CYS A 101 -15.20 4.12 -20.30
N ALA A 102 -15.54 5.02 -21.23
CA ALA A 102 -16.38 4.69 -22.35
C ALA A 102 -15.74 3.69 -23.28
N TRP A 103 -14.42 3.79 -23.50
CA TRP A 103 -13.87 2.84 -24.49
C TRP A 103 -13.96 1.42 -23.91
N GLN A 104 -13.83 1.28 -22.60
CA GLN A 104 -13.95 -0.07 -22.05
C GLN A 104 -15.38 -0.57 -22.21
N LEU A 105 -16.32 0.35 -21.97
CA LEU A 105 -17.74 -0.06 -22.09
C LEU A 105 -18.06 -0.55 -23.50
N GLU A 106 -17.53 0.18 -24.48
CA GLU A 106 -17.74 -0.11 -25.90
C GLU A 106 -17.09 -1.44 -26.26
N ALA A 107 -15.89 -1.67 -25.71
CA ALA A 107 -15.22 -2.94 -26.03
C ALA A 107 -16.04 -4.10 -25.48
N ILE A 108 -16.63 -3.93 -24.30
CA ILE A 108 -17.51 -4.98 -23.78
C ILE A 108 -18.74 -5.19 -24.64
N GLU A 109 -19.28 -4.05 -25.07
CA GLU A 109 -20.47 -4.22 -25.93
C GLU A 109 -20.11 -4.95 -27.21
N ARG A 110 -18.88 -4.83 -27.76
CA ARG A 110 -18.76 -5.54 -29.04
C ARG A 110 -17.99 -6.85 -28.91
N ALA A 111 -17.56 -7.18 -27.69
CA ALA A 111 -16.76 -8.36 -27.44
C ALA A 111 -17.60 -9.64 -27.48
N SER A 112 -16.99 -10.68 -27.99
CA SER A 112 -17.60 -12.00 -27.89
C SER A 112 -17.07 -12.70 -26.62
N LEU A 113 -17.97 -12.94 -25.67
CA LEU A 113 -17.62 -13.39 -24.34
C LEU A 113 -18.23 -14.78 -24.09
N ALA A 114 -17.44 -15.72 -23.64
CA ALA A 114 -17.79 -17.10 -23.31
C ALA A 114 -18.69 -17.22 -22.09
N ARG A 115 -18.50 -16.33 -21.12
CA ARG A 115 -19.25 -16.20 -19.90
C ARG A 115 -19.54 -14.72 -19.61
N PRO A 116 -20.59 -14.33 -18.92
CA PRO A 116 -20.67 -12.88 -18.59
C PRO A 116 -19.61 -12.44 -17.57
N LEU A 117 -19.31 -11.15 -17.57
CA LEU A 117 -18.38 -10.40 -16.74
C LEU A 117 -19.03 -9.86 -15.47
N ASN A 118 -18.31 -9.94 -14.35
CA ASN A 118 -18.69 -9.23 -13.12
C ASN A 118 -17.95 -7.90 -13.19
N VAL A 119 -18.71 -6.82 -13.28
CA VAL A 119 -18.17 -5.49 -13.48
C VAL A 119 -18.33 -4.58 -12.27
N TRP A 120 -17.24 -3.90 -11.94
CA TRP A 120 -17.28 -2.87 -10.93
C TRP A 120 -17.28 -1.55 -11.68
N LEU A 121 -18.46 -0.96 -11.76
CA LEU A 121 -18.57 0.30 -12.51
C LEU A 121 -18.08 1.46 -11.67
N MET A 123 -17.28 5.31 -10.72
CA MET A 123 -17.61 6.70 -10.84
C MET A 123 -16.47 7.62 -10.41
N ASP A 124 -16.29 8.69 -11.15
CA ASP A 124 -15.38 9.75 -10.74
C ASP A 124 -16.28 10.65 -9.87
N SER A 125 -16.20 10.58 -8.56
CA SER A 125 -17.04 11.40 -7.71
C SER A 125 -16.30 12.63 -7.19
N GLY A 126 -15.17 12.96 -7.78
CA GLY A 126 -14.47 14.18 -7.43
C GLY A 126 -12.97 14.07 -7.38
N MET A 127 -12.36 12.88 -7.43
CA MET A 127 -10.91 12.79 -7.43
C MET A 127 -10.37 13.08 -8.82
N HIS A 128 -11.19 12.85 -9.85
CA HIS A 128 -10.78 13.14 -11.22
C HIS A 128 -9.52 12.37 -11.62
N ARG A 129 -9.50 11.11 -11.24
CA ARG A 129 -8.54 10.12 -11.71
C ARG A 129 -9.29 9.30 -12.76
N VAL A 130 -9.79 8.09 -12.50
CA VAL A 130 -10.57 7.39 -13.53
C VAL A 130 -12.02 7.29 -13.08
N GLY A 131 -12.92 6.92 -14.01
CA GLY A 131 -14.32 6.71 -13.83
C GLY A 131 -15.24 7.63 -14.61
N PHE A 132 -16.51 7.25 -14.65
CA PHE A 132 -17.52 8.07 -15.32
C PHE A 132 -17.94 9.22 -14.42
N PHE A 133 -18.15 10.38 -15.04
CA PHE A 133 -18.76 11.48 -14.29
C PHE A 133 -20.13 11.10 -13.76
N PRO A 134 -20.54 11.69 -12.64
CA PRO A 134 -21.85 11.33 -12.09
C PRO A 134 -22.99 11.40 -13.10
N GLU A 135 -22.98 12.42 -13.94
CA GLU A 135 -24.02 12.60 -14.93
C GLU A 135 -24.00 11.55 -16.02
N ASP A 136 -22.94 10.79 -16.18
CA ASP A 136 -22.81 9.74 -17.19
C ASP A 136 -22.98 8.34 -16.61
N PHE A 137 -23.09 8.24 -15.31
CA PHE A 137 -23.00 6.95 -14.62
C PHE A 137 -24.21 6.08 -14.87
N ARG A 138 -25.40 6.67 -14.77
CA ARG A 138 -26.62 5.91 -14.99
C ARG A 138 -26.68 5.29 -16.38
N ALA A 139 -26.33 6.11 -17.39
CA ALA A 139 -26.36 5.55 -18.75
C ALA A 139 -25.38 4.41 -18.97
N ALA A 140 -24.23 4.51 -18.31
CA ALA A 140 -23.21 3.46 -18.37
C ALA A 140 -23.75 2.19 -17.71
N HIS A 141 -24.35 2.37 -16.54
CA HIS A 141 -24.94 1.23 -15.83
C HIS A 141 -25.98 0.57 -16.73
N GLU A 142 -26.88 1.34 -17.31
CA GLU A 142 -27.95 0.74 -18.13
C GLU A 142 -27.36 0.05 -19.35
N ARG A 143 -26.27 0.58 -19.90
CA ARG A 143 -25.64 -0.06 -21.04
C ARG A 143 -24.99 -1.38 -20.65
N LEU A 144 -24.40 -1.48 -19.45
CA LEU A 144 -23.88 -2.77 -19.03
C LEU A 144 -25.00 -3.80 -18.87
N ARG A 145 -26.08 -3.33 -18.22
CA ARG A 145 -27.23 -4.19 -17.98
C ARG A 145 -27.85 -4.67 -19.30
N ALA A 146 -27.90 -3.82 -20.30
CA ALA A 146 -28.58 -4.14 -21.54
C ALA A 146 -27.76 -5.02 -22.47
N SER A 147 -26.46 -5.12 -22.20
CA SER A 147 -25.50 -5.70 -23.13
C SER A 147 -25.65 -7.20 -23.32
N GLY A 148 -26.17 -7.80 -22.27
CA GLY A 148 -26.25 -9.21 -21.95
C GLY A 148 -24.85 -9.79 -21.79
N LYS A 149 -23.85 -8.99 -21.52
CA LYS A 149 -22.48 -9.44 -21.32
C LYS A 149 -22.07 -9.39 -19.84
N VAL A 150 -22.98 -8.89 -19.00
CA VAL A 150 -22.60 -8.59 -17.62
C VAL A 150 -23.46 -9.30 -16.58
N ALA A 151 -22.81 -9.93 -15.61
CA ALA A 151 -23.58 -10.58 -14.55
C ALA A 151 -23.70 -9.53 -13.47
N LYS A 152 -22.99 -9.58 -12.35
CA LYS A 152 -23.30 -8.54 -11.38
C LYS A 152 -22.58 -7.24 -11.73
N ILE A 153 -23.18 -6.15 -11.24
CA ILE A 153 -22.53 -4.86 -11.19
C ILE A 153 -22.42 -4.37 -9.75
N VAL A 154 -21.19 -3.99 -9.40
CA VAL A 154 -20.89 -3.32 -8.14
C VAL A 154 -20.61 -1.87 -8.53
N MET A 155 -21.27 -0.94 -7.86
CA MET A 155 -21.05 0.49 -8.12
C MET A 155 -19.93 1.02 -7.22
N MET A 156 -18.89 1.62 -7.77
CA MET A 156 -17.69 2.00 -7.01
C MET A 156 -17.24 3.42 -7.23
N SER A 157 -16.56 3.96 -6.22
CA SER A 157 -15.80 5.20 -6.36
C SER A 157 -14.65 5.17 -5.36
N HIS A 158 -13.86 6.24 -5.40
CA HIS A 158 -12.63 6.32 -4.64
C HIS A 158 -12.39 7.75 -4.18
N PHE A 159 -11.90 7.93 -2.96
CA PHE A 159 -11.74 9.19 -2.30
C PHE A 159 -10.34 9.80 -2.48
N SER A 160 -10.28 11.10 -2.67
CA SER A 160 -9.02 11.77 -2.84
C SER A 160 -8.39 12.22 -1.54
N ARG A 161 -9.17 12.46 -0.50
CA ARG A 161 -8.66 13.14 0.68
C ARG A 161 -9.16 12.52 1.96
N ALA A 162 -9.44 11.21 1.96
CA ALA A 162 -10.02 10.64 3.19
C ALA A 162 -8.98 10.57 4.31
N ASP A 163 -7.70 10.72 3.99
CA ASP A 163 -6.66 10.75 5.00
C ASP A 163 -6.69 12.10 5.73
N GLU A 164 -7.44 13.08 5.25
CA GLU A 164 -7.61 14.38 5.92
C GLU A 164 -8.95 14.43 6.65
N LEU A 165 -8.84 14.10 7.93
CA LEU A 165 -10.03 13.91 8.75
C LEU A 165 -10.87 15.16 9.00
N ASP A 166 -10.28 16.33 8.81
CA ASP A 166 -10.89 17.62 9.05
C ASP A 166 -11.30 18.26 7.72
N CYS A 167 -11.13 17.52 6.62
CA CYS A 167 -11.51 17.96 5.29
C CYS A 167 -12.84 17.37 4.85
N PRO A 168 -13.82 18.16 4.42
CA PRO A 168 -15.10 17.57 4.04
C PRO A 168 -15.15 17.00 2.64
N ARG A 169 -14.03 16.90 1.92
CA ARG A 169 -14.09 16.40 0.53
C ARG A 169 -14.72 15.02 0.45
N THR A 170 -14.46 14.20 1.46
CA THR A 170 -15.01 12.83 1.48
C THR A 170 -16.53 12.86 1.53
N GLU A 171 -17.06 13.79 2.33
CA GLU A 171 -18.49 13.98 2.40
C GLU A 171 -19.07 14.42 1.06
N GLU A 172 -18.36 15.35 0.42
CA GLU A 172 -18.84 15.81 -0.89
C GLU A 172 -18.89 14.72 -1.96
N GLN A 173 -17.83 13.94 -1.99
CA GLN A 173 -17.73 12.84 -2.95
C GLN A 173 -18.82 11.82 -2.66
N LEU A 174 -19.07 11.50 -1.39
CA LEU A 174 -20.17 10.54 -1.08
C LEU A 174 -21.50 11.09 -1.54
N ALA A 175 -21.77 12.37 -1.26
CA ALA A 175 -23.02 12.94 -1.70
C ALA A 175 -23.22 12.85 -3.21
N ALA A 176 -22.19 13.16 -3.96
CA ALA A 176 -22.31 13.08 -5.42
C ALA A 176 -22.54 11.64 -5.86
N PHE A 177 -21.84 10.71 -5.21
CA PHE A 177 -22.00 9.31 -5.58
C PHE A 177 -23.43 8.81 -5.32
N SER A 178 -23.93 9.11 -4.13
CA SER A 178 -25.25 8.65 -3.73
C SER A 178 -26.31 9.23 -4.62
N ALA A 179 -26.18 10.51 -4.97
CA ALA A 179 -27.17 11.14 -5.82
C ALA A 179 -27.23 10.55 -7.22
N ALA A 180 -26.06 10.23 -7.78
CA ALA A 180 -25.98 9.73 -9.15
C ALA A 180 -26.30 8.23 -9.24
N SER A 181 -26.19 7.48 -8.14
CA SER A 181 -26.45 6.03 -8.20
C SER A 181 -27.81 5.67 -7.62
N GLN A 182 -28.57 6.67 -7.18
CA GLN A 182 -29.81 6.41 -6.47
C GLN A 182 -30.77 5.59 -7.33
N GLY A 183 -31.39 4.61 -6.66
CA GLY A 183 -32.34 3.75 -7.35
C GLY A 183 -31.74 2.65 -8.20
N LEU A 184 -30.41 2.61 -8.35
CA LEU A 184 -29.76 1.55 -9.12
C LEU A 184 -29.54 0.34 -8.24
N GLU A 185 -29.80 -0.88 -8.74
CA GLU A 185 -29.64 -2.02 -7.81
C GLU A 185 -28.18 -2.44 -7.85
N GLY A 186 -27.70 -3.04 -6.80
CA GLY A 186 -26.34 -3.53 -6.66
C GLY A 186 -25.64 -3.05 -5.39
N GLU A 187 -24.60 -3.79 -5.04
CA GLU A 187 -23.71 -3.40 -3.96
C GLU A 187 -22.86 -2.20 -4.35
N ILE A 188 -22.40 -1.48 -3.33
CA ILE A 188 -21.50 -0.36 -3.54
C ILE A 188 -20.17 -0.59 -2.81
N SER A 189 -19.14 0.09 -3.33
CA SER A 189 -17.81 0.00 -2.80
C SER A 189 -17.13 1.36 -2.90
N LEU A 190 -16.86 1.95 -1.74
CA LEU A 190 -16.25 3.26 -1.68
C LEU A 190 -14.99 3.37 -0.81
N ARG A 191 -14.89 2.65 0.30
CA ARG A 191 -13.86 2.88 1.29
C ARG A 191 -12.50 2.23 1.13
N ASN A 192 -11.47 3.06 1.07
CA ASN A 192 -10.05 2.73 1.19
C ASN A 192 -9.65 2.76 2.66
N SER A 193 -8.36 2.60 2.94
CA SER A 193 -7.93 2.53 4.34
C SER A 193 -8.33 3.75 5.14
N PRO A 194 -8.01 4.98 4.77
CA PRO A 194 -8.44 6.09 5.63
C PRO A 194 -9.94 6.16 5.83
N ALA A 195 -10.76 5.79 4.84
CA ALA A 195 -12.19 5.83 5.07
C ALA A 195 -12.66 4.69 5.94
N VAL A 196 -12.05 3.52 5.84
CA VAL A 196 -12.33 2.40 6.77
C VAL A 196 -12.02 2.79 8.20
N LEU A 197 -10.86 3.44 8.39
CA LEU A 197 -10.40 3.72 9.76
C LEU A 197 -11.04 4.96 10.37
N GLY A 198 -11.35 5.94 9.51
CA GLY A 198 -11.73 7.24 10.00
C GLY A 198 -13.06 7.82 9.58
N TRP A 199 -13.82 7.17 8.72
CA TRP A 199 -15.06 7.77 8.22
C TRP A 199 -16.25 6.81 8.34
N PRO A 200 -16.67 6.57 9.57
CA PRO A 200 -17.67 5.54 9.84
C PRO A 200 -19.05 5.83 9.30
N LYS A 201 -19.33 7.04 8.84
CA LYS A 201 -20.62 7.30 8.20
C LYS A 201 -20.63 6.92 6.73
N VAL A 202 -19.47 6.62 6.18
CA VAL A 202 -19.46 6.29 4.75
C VAL A 202 -19.89 4.84 4.55
N PRO A 203 -20.88 4.62 3.71
CA PRO A 203 -21.36 3.24 3.43
C PRO A 203 -20.41 2.50 2.48
N SER A 204 -20.49 1.19 2.55
CA SER A 204 -19.81 0.28 1.65
C SER A 204 -20.19 -1.18 1.96
N ASP A 205 -20.60 -1.91 0.93
CA ASP A 205 -20.81 -3.34 1.04
C ASP A 205 -19.47 -4.09 0.91
N TRP A 206 -18.57 -3.51 0.12
CA TRP A 206 -17.21 -3.93 -0.09
C TRP A 206 -16.25 -2.79 0.26
N VAL A 207 -15.36 -3.02 1.22
CA VAL A 207 -14.27 -2.09 1.50
C VAL A 207 -12.98 -2.59 0.85
N ARG A 208 -12.02 -1.68 0.68
CA ARG A 208 -10.83 -1.95 -0.11
C ARG A 208 -9.58 -1.45 0.64
N PRO A 209 -9.27 -2.11 1.73
CA PRO A 209 -8.07 -1.73 2.50
C PRO A 209 -6.77 -2.14 1.82
N GLY A 210 -5.89 -1.18 1.56
CA GLY A 210 -4.53 -1.41 1.15
C GLY A 210 -3.55 -1.11 2.29
N ILE A 211 -3.19 0.16 2.46
CA ILE A 211 -2.09 0.50 3.36
C ILE A 211 -2.31 0.01 4.78
N LEU A 212 -3.53 -0.03 5.30
CA LEU A 212 -3.69 -0.49 6.69
C LEU A 212 -3.28 -1.97 6.82
N LEU A 213 -3.42 -2.75 5.74
CA LEU A 213 -3.03 -4.16 5.87
C LEU A 213 -1.57 -4.30 6.31
N TYR A 214 -0.78 -3.34 5.82
CA TYR A 214 0.65 -3.37 6.07
C TYR A 214 1.02 -2.69 7.37
N GLY A 215 0.04 -2.23 8.15
CA GLY A 215 0.33 -1.72 9.49
C GLY A 215 0.96 -0.36 9.54
N ALA A 216 0.71 0.44 8.50
CA ALA A 216 1.05 1.84 8.45
C ALA A 216 -0.21 2.70 8.40
N THR A 217 -0.30 3.70 9.28
CA THR A 217 -1.45 4.58 9.27
C THR A 217 -1.37 5.54 8.10
N PRO A 218 -2.52 5.82 7.50
CA PRO A 218 -2.64 6.84 6.47
C PRO A 218 -2.71 8.25 7.04
N PHE A 219 -2.87 8.38 8.34
CA PHE A 219 -3.07 9.66 9.00
C PHE A 219 -1.78 10.19 9.64
N GLU A 220 -1.70 11.52 9.68
CA GLU A 220 -0.61 12.34 10.13
C GLU A 220 -0.52 12.45 11.64
N ARG A 221 -1.54 12.01 12.34
CA ARG A 221 -1.54 11.99 13.80
C ARG A 221 -2.16 10.71 14.33
N ALA A 222 -1.93 10.46 15.62
CA ALA A 222 -2.53 9.29 16.25
C ALA A 222 -4.05 9.28 16.04
N HIS A 223 -4.59 8.07 16.04
CA HIS A 223 -6.01 7.78 15.86
C HIS A 223 -6.33 6.51 16.64
N PRO A 224 -7.41 6.45 17.40
CA PRO A 224 -7.63 5.27 18.25
C PRO A 224 -7.70 4.00 17.43
N LEU A 225 -8.33 3.99 16.26
CA LEU A 225 -8.34 2.70 15.55
C LEU A 225 -7.09 2.38 14.76
N ALA A 226 -6.46 3.31 14.07
CA ALA A 226 -5.24 3.20 13.33
C ALA A 226 -4.07 2.88 14.27
N ASP A 227 -4.22 3.38 15.51
CA ASP A 227 -3.25 3.05 16.55
C ASP A 227 -3.19 1.55 16.82
N ARG A 228 -4.21 0.78 16.45
CA ARG A 228 -4.27 -0.65 16.75
C ARG A 228 -3.62 -1.48 15.64
N LEU A 229 -3.22 -0.86 14.54
CA LEU A 229 -2.55 -1.52 13.42
C LEU A 229 -1.17 -2.00 13.84
N ARG A 230 -0.74 -3.14 13.30
CA ARG A 230 0.55 -3.72 13.59
C ARG A 230 1.42 -3.69 12.35
N PRO A 231 2.53 -2.97 12.41
CA PRO A 231 3.46 -2.93 11.27
C PRO A 231 3.86 -4.31 10.79
N VAL A 232 3.79 -4.48 9.46
CA VAL A 232 4.11 -5.77 8.86
C VAL A 232 5.57 -5.90 8.45
N MET A 233 6.17 -4.90 7.84
CA MET A 233 7.55 -4.97 7.37
C MET A 233 8.53 -4.34 8.35
N THR A 234 9.62 -5.08 8.60
CA THR A 234 10.77 -4.57 9.29
C THR A 234 11.93 -4.54 8.29
N LEU A 235 12.39 -3.33 7.98
CA LEU A 235 13.58 -3.17 7.15
C LEU A 235 14.78 -3.01 8.10
N GLU A 236 15.73 -3.93 8.02
CA GLU A 236 16.84 -3.95 8.96
C GLU A 236 18.11 -4.39 8.26
N SER A 237 19.21 -4.06 8.94
CA SER A 237 20.55 -4.46 8.51
C SER A 237 21.50 -4.46 9.70
N LYS A 238 22.80 -4.39 9.42
CA LYS A 238 23.81 -4.37 10.46
C LYS A 238 24.92 -3.37 10.11
N VAL A 239 25.60 -2.98 11.18
CA VAL A 239 26.79 -2.14 11.04
C VAL A 239 27.95 -2.95 10.49
N ILE A 240 28.54 -2.49 9.38
CA ILE A 240 29.60 -3.17 8.67
C ILE A 240 30.97 -2.48 8.76
N SER A 241 31.03 -1.27 9.33
CA SER A 241 32.27 -0.56 9.57
C SER A 241 32.03 0.52 10.61
N VAL A 242 33.03 0.83 11.45
CA VAL A 242 32.96 1.88 12.47
C VAL A 242 34.16 2.79 12.26
N ARG A 243 33.95 4.07 12.51
CA ARG A 243 34.98 5.07 12.34
C ARG A 243 34.93 6.14 13.42
N ASP A 244 36.01 6.45 14.09
CA ASP A 244 36.09 7.59 14.97
C ASP A 244 36.56 8.85 14.20
N LEU A 245 35.85 9.95 14.37
CA LEU A 245 36.10 11.20 13.67
C LEU A 245 36.21 12.37 14.62
N PRO A 246 37.14 13.27 14.37
CA PRO A 246 37.11 14.54 15.08
C PRO A 246 35.89 15.33 14.62
N ALA A 247 35.61 16.42 15.30
CA ALA A 247 34.57 17.36 14.95
C ALA A 247 34.91 18.08 13.64
N GLY A 248 33.87 18.39 12.88
CA GLY A 248 33.88 19.18 11.69
C GLY A 248 34.27 18.40 10.47
N GLU A 249 34.07 17.08 10.49
CA GLU A 249 34.42 16.23 9.39
C GLU A 249 33.15 15.85 8.60
N PRO A 250 33.21 16.01 7.30
CA PRO A 250 32.06 15.75 6.44
C PRO A 250 31.81 14.26 6.30
N VAL A 251 30.55 13.86 6.35
CA VAL A 251 30.22 12.45 6.21
C VAL A 251 29.34 12.22 4.98
N GLY A 252 29.82 11.43 4.04
CA GLY A 252 29.10 11.01 2.86
C GLY A 252 29.19 11.98 1.70
N TYR A 253 28.53 11.64 0.61
CA TYR A 253 28.47 12.52 -0.53
C TYR A 253 27.92 13.88 -0.15
N GLY A 254 28.42 14.92 -0.80
CA GLY A 254 27.88 16.27 -0.65
C GLY A 254 28.22 16.93 0.66
N ALA A 255 28.82 16.22 1.58
CA ALA A 255 29.05 16.79 2.92
C ALA A 255 27.85 17.52 3.51
N ARG A 256 26.63 17.02 3.32
CA ARG A 256 25.46 17.65 3.93
C ARG A 256 25.56 17.70 5.44
N TYR A 257 26.15 16.65 5.98
CA TYR A 257 26.46 16.52 7.40
C TYR A 257 27.95 16.58 7.69
N SER A 258 28.30 17.38 8.68
CA SER A 258 29.62 17.37 9.30
C SER A 258 29.52 16.98 10.77
N THR A 259 30.51 16.23 11.25
CA THR A 259 30.42 15.88 12.68
C THR A 259 30.35 17.14 13.55
N GLU A 260 29.43 17.09 14.50
CA GLU A 260 29.20 18.19 15.43
C GLU A 260 30.25 18.27 16.54
N ARG A 261 30.76 17.14 16.92
CA ARG A 261 31.77 16.88 17.92
C ARG A 261 32.60 15.67 17.53
N ARG A 262 33.47 15.26 18.46
CA ARG A 262 34.19 14.01 18.25
C ARG A 262 33.11 12.92 18.25
N GLN A 263 33.05 12.11 17.22
CA GLN A 263 31.97 11.14 17.09
C GLN A 263 32.53 9.84 16.56
N ARG A 264 31.79 8.79 16.73
CA ARG A 264 31.86 7.46 16.22
C ARG A 264 30.68 7.22 15.28
N ILE A 265 31.03 6.96 14.03
CA ILE A 265 30.04 6.72 12.99
C ILE A 265 30.08 5.26 12.57
N GLY A 266 28.88 4.71 12.29
CA GLY A 266 28.77 3.35 11.80
C GLY A 266 28.18 3.36 10.40
N VAL A 267 28.78 2.56 9.55
CA VAL A 267 28.28 2.33 8.20
C VAL A 267 27.36 1.12 8.26
N VAL A 268 26.18 1.25 7.69
CA VAL A 268 25.15 0.23 7.62
C VAL A 268 24.95 -0.24 6.19
N ALA A 269 24.77 -1.54 6.02
CA ALA A 269 24.54 -2.16 4.72
C ALA A 269 23.07 -2.03 4.32
N MET A 270 22.74 -0.83 3.83
CA MET A 270 21.40 -0.42 3.40
C MET A 270 21.54 0.90 2.65
N GLY A 271 20.82 1.04 1.53
CA GLY A 271 20.87 2.31 0.84
C GLY A 271 19.61 2.56 0.05
N TYR A 272 19.64 3.63 -0.75
CA TYR A 272 18.42 4.01 -1.45
C TYR A 272 18.06 3.01 -2.56
N ALA A 273 18.99 2.20 -3.08
CA ALA A 273 18.59 1.24 -4.11
C ALA A 273 17.70 0.16 -3.48
N ASP A 274 17.87 -0.08 -2.18
CA ASP A 274 17.04 -1.02 -1.45
C ASP A 274 15.65 -0.48 -1.12
N GLY A 275 15.46 0.83 -1.25
CA GLY A 275 14.20 1.49 -0.92
C GLY A 275 14.29 2.41 0.27
N TYR A 276 15.44 2.43 0.93
CA TYR A 276 15.61 3.38 2.06
C TYR A 276 15.70 4.78 1.46
N PRO A 277 14.97 5.74 1.99
CA PRO A 277 14.95 7.02 1.27
C PRO A 277 16.23 7.86 1.33
N ARG A 278 16.68 8.24 0.15
CA ARG A 278 17.81 9.16 0.02
C ARG A 278 17.50 10.52 0.63
N HIS A 279 16.21 10.86 0.69
CA HIS A 279 15.85 12.15 1.26
C HIS A 279 15.96 12.19 2.78
N ALA A 280 16.13 11.08 3.47
CA ALA A 280 16.14 11.07 4.91
C ALA A 280 17.19 12.03 5.43
N ALA A 281 16.74 12.94 6.28
CA ALA A 281 17.58 14.01 6.82
C ALA A 281 18.43 13.52 7.97
N ASP A 282 19.48 14.30 8.23
CA ASP A 282 20.26 14.06 9.44
C ASP A 282 19.33 14.22 10.62
N GLY A 283 19.37 13.29 11.57
CA GLY A 283 18.56 13.28 12.74
C GLY A 283 17.40 12.30 12.59
N THR A 284 17.27 11.70 11.40
CA THR A 284 16.23 10.68 11.22
C THR A 284 16.35 9.55 12.23
N LEU A 285 15.20 9.18 12.84
CA LEU A 285 15.23 8.09 13.76
C LEU A 285 15.55 6.74 13.12
N VAL A 286 16.39 5.97 13.79
CA VAL A 286 16.70 4.60 13.50
C VAL A 286 16.73 3.90 14.88
N PHE A 287 16.68 2.59 14.89
CA PHE A 287 16.91 1.85 16.15
C PHE A 287 18.19 1.03 15.99
N ILE A 288 19.06 1.19 16.98
CA ILE A 288 20.36 0.52 17.01
C ILE A 288 20.39 -0.40 18.22
N ASP A 289 20.52 -1.71 17.96
CA ASP A 289 20.46 -2.69 19.05
C ASP A 289 19.29 -2.46 20.00
N GLY A 290 18.15 -2.06 19.42
CA GLY A 290 16.93 -1.91 20.22
C GLY A 290 16.76 -0.58 20.92
N LYS A 291 17.60 0.40 20.63
CA LYS A 291 17.59 1.71 21.25
C LYS A 291 17.55 2.81 20.19
N PRO A 292 16.84 3.91 20.47
CA PRO A 292 16.77 5.01 19.51
C PRO A 292 18.14 5.64 19.24
N GLY A 293 18.32 6.01 17.97
CA GLY A 293 19.52 6.60 17.42
C GLY A 293 19.14 7.44 16.22
N ARG A 294 20.16 8.03 15.62
CA ARG A 294 19.93 8.84 14.44
C ARG A 294 20.87 8.54 13.27
N LEU A 295 20.28 8.78 12.10
CA LEU A 295 20.98 8.74 10.84
C LEU A 295 21.77 10.05 10.75
N VAL A 296 23.03 10.00 10.34
CA VAL A 296 23.78 11.19 9.98
C VAL A 296 24.55 10.94 8.68
N GLY A 297 24.58 11.93 7.81
CA GLY A 297 25.17 11.85 6.51
C GLY A 297 24.19 11.36 5.46
N ARG A 298 24.44 11.83 4.24
CA ARG A 298 23.61 11.42 3.12
C ARG A 298 23.68 9.93 2.84
N VAL A 299 22.49 9.36 2.67
CA VAL A 299 22.32 7.99 2.25
C VAL A 299 22.89 7.78 0.85
N SER A 300 23.68 6.73 0.67
CA SER A 300 24.26 6.30 -0.59
C SER A 300 23.39 5.18 -1.21
N MET A 301 23.76 4.72 -2.38
CA MET A 301 22.97 3.74 -3.10
C MET A 301 22.85 2.43 -2.31
N ASP A 302 23.96 2.03 -1.70
CA ASP A 302 24.11 0.75 -1.02
C ASP A 302 24.40 0.82 0.47
N MET A 303 24.74 1.97 0.99
CA MET A 303 25.25 2.18 2.33
C MET A 303 24.66 3.45 2.93
N LEU A 304 24.58 3.45 4.24
CA LEU A 304 24.11 4.63 4.98
C LEU A 304 24.91 4.68 6.28
N THR A 305 24.90 5.82 6.91
CA THR A 305 25.64 6.03 8.14
C THR A 305 24.72 6.46 9.27
N VAL A 306 25.07 5.97 10.45
CA VAL A 306 24.40 6.29 11.69
C VAL A 306 25.42 6.73 12.76
N ASP A 307 24.91 7.46 13.73
CA ASP A 307 25.68 8.01 14.83
C ASP A 307 25.74 6.96 15.94
N LEU A 308 26.93 6.49 16.27
CA LEU A 308 27.12 5.52 17.34
C LEU A 308 27.72 6.16 18.59
N THR A 309 27.83 7.48 18.63
CA THR A 309 28.58 8.11 19.72
C THR A 309 28.01 7.82 21.10
N ASP A 310 26.68 7.90 21.23
CA ASP A 310 25.98 7.68 22.49
C ASP A 310 25.54 6.21 22.63
N HIS A 311 26.13 5.30 21.88
CA HIS A 311 25.85 3.88 21.90
C HIS A 311 27.14 3.09 22.15
N PRO A 312 27.75 3.26 23.31
CA PRO A 312 29.09 2.70 23.51
C PRO A 312 29.15 1.18 23.40
N GLN A 313 28.02 0.51 23.62
CA GLN A 313 28.02 -0.93 23.52
C GLN A 313 27.81 -1.40 22.08
N ALA A 314 27.42 -0.49 21.20
CA ALA A 314 27.14 -0.87 19.82
C ALA A 314 28.40 -0.77 18.97
N GLY A 315 28.39 -1.46 17.82
CA GLY A 315 29.57 -1.37 16.95
C GLY A 315 29.41 -2.33 15.79
N LEU A 316 30.52 -2.92 15.33
CA LEU A 316 30.45 -3.89 14.25
C LEU A 316 29.47 -4.99 14.60
N GLY A 317 28.57 -5.24 13.65
CA GLY A 317 27.58 -6.27 13.79
C GLY A 317 26.30 -5.86 14.51
N SER A 318 26.20 -4.64 15.04
CA SER A 318 24.97 -4.16 15.64
C SER A 318 23.83 -4.10 14.64
N ARG A 319 22.64 -4.43 15.15
CA ARG A 319 21.44 -4.50 14.34
C ARG A 319 20.80 -3.11 14.27
N VAL A 320 20.42 -2.74 13.07
CA VAL A 320 19.81 -1.45 12.84
C VAL A 320 18.46 -1.63 12.18
N GLU A 321 17.42 -1.07 12.78
CA GLU A 321 16.07 -1.07 12.28
C GLU A 321 15.86 0.26 11.55
N LEU A 322 15.62 0.22 10.24
CA LEU A 322 15.41 1.38 9.36
C LEU A 322 13.94 1.76 9.33
N TRP A 323 13.09 0.74 9.33
CA TRP A 323 11.68 0.92 9.64
C TRP A 323 11.06 -0.37 10.16
N GLY A 324 9.92 -0.23 10.84
CA GLY A 324 9.33 -1.43 11.45
C GLY A 324 8.45 -1.06 12.61
N PRO A 325 8.37 -1.94 13.61
CA PRO A 325 7.53 -1.64 14.77
C PRO A 325 8.07 -0.56 15.73
N ASN A 326 9.35 -0.23 15.75
CA ASN A 326 9.94 0.82 16.55
C ASN A 326 10.16 2.12 15.80
N VAL A 327 10.32 2.00 14.50
CA VAL A 327 10.61 3.13 13.61
C VAL A 327 9.51 3.19 12.56
N PRO A 328 8.44 3.94 12.80
CA PRO A 328 7.30 3.85 11.87
C PRO A 328 7.64 4.38 10.49
N VAL A 329 7.27 3.57 9.50
CA VAL A 329 7.62 3.91 8.12
C VAL A 329 6.88 5.15 7.62
N GLY A 330 5.66 5.34 8.07
CA GLY A 330 4.89 6.52 7.70
C GLY A 330 5.46 7.80 8.27
N ALA A 331 5.90 7.79 9.53
CA ALA A 331 6.49 9.01 10.12
C ALA A 331 7.78 9.37 9.38
N LEU A 332 8.60 8.40 9.04
CA LEU A 332 9.80 8.57 8.24
C LEU A 332 9.48 9.25 6.90
N ALA A 333 8.50 8.66 6.18
CA ALA A 333 8.17 9.14 4.85
C ALA A 333 7.66 10.57 4.89
N ALA A 334 6.81 10.90 5.87
CA ALA A 334 6.18 12.22 5.92
C ALA A 334 7.23 13.28 6.27
N GLN A 335 8.38 12.89 6.82
CA GLN A 335 9.45 13.83 7.13
C GLN A 335 9.83 14.68 5.92
N PHE A 336 9.87 14.04 4.74
CA PHE A 336 10.31 14.74 3.53
C PHE A 336 9.25 14.76 2.43
N GLY A 337 7.98 14.71 2.85
CA GLY A 337 6.86 14.90 1.94
C GLY A 337 6.41 13.68 1.21
N SER A 338 6.90 12.51 1.62
CA SER A 338 6.41 11.24 1.08
C SER A 338 5.31 10.67 1.96
N ILE A 339 4.80 9.49 1.63
CA ILE A 339 3.85 8.66 2.33
C ILE A 339 4.39 7.24 2.45
N PRO A 340 3.94 6.51 3.45
CA PRO A 340 4.50 5.18 3.70
C PRO A 340 4.40 4.27 2.48
N TYR A 341 3.32 4.46 1.73
CA TYR A 341 2.99 3.72 0.54
C TYR A 341 4.20 3.65 -0.42
N GLN A 342 4.83 4.81 -0.61
CA GLN A 342 5.92 4.88 -1.57
C GLN A 342 7.15 4.11 -1.10
N LEU A 343 7.51 4.30 0.18
CA LEU A 343 8.73 3.67 0.67
C LEU A 343 8.58 2.14 0.64
N LEU A 344 7.44 1.65 1.10
CA LEU A 344 7.16 0.22 1.06
C LEU A 344 7.22 -0.30 -0.38
N CYS A 345 6.58 0.41 -1.34
CA CYS A 345 6.62 -0.01 -2.73
C CYS A 345 8.03 -0.01 -3.34
N ASN A 346 8.92 0.80 -2.81
CA ASN A 346 10.27 0.94 -3.39
C ASN A 346 11.17 -0.19 -2.93
N LEU A 347 10.70 -1.10 -2.09
CA LEU A 347 11.58 -2.16 -1.61
C LEU A 347 12.13 -3.00 -2.76
N LYS A 348 13.45 -3.10 -2.78
CA LYS A 348 14.17 -3.88 -3.78
C LYS A 348 15.40 -4.58 -3.18
N ARG A 349 15.92 -5.57 -3.88
CA ARG A 349 17.21 -6.23 -3.69
C ARG A 349 17.27 -7.08 -2.44
N VAL A 350 16.83 -6.53 -1.30
CA VAL A 350 16.99 -7.30 -0.07
C VAL A 350 16.10 -8.53 0.01
N PRO A 351 16.55 -9.55 0.73
CA PRO A 351 15.64 -10.67 0.95
C PRO A 351 14.42 -10.28 1.77
N ARG A 352 13.29 -10.95 1.48
CA ARG A 352 12.07 -10.84 2.25
C ARG A 352 11.88 -12.18 2.97
N VAL A 353 11.87 -12.06 4.29
CA VAL A 353 11.76 -13.21 5.16
C VAL A 353 10.42 -13.18 5.85
N TYR A 354 9.55 -14.11 5.49
CA TYR A 354 8.18 -14.20 5.97
C TYR A 354 8.13 -14.99 7.28
N SER A 355 7.34 -14.49 8.23
CA SER A 355 6.98 -15.23 9.42
C SER A 355 5.47 -15.27 9.59
N GLY A 356 5.00 -16.28 10.32
CA GLY A 356 3.55 -16.35 10.57
C GLY A 356 2.76 -17.00 9.48
N ALA A 357 3.41 -17.69 8.54
CA ALA A 357 2.60 -18.24 7.46
C ALA A 357 1.70 -19.40 7.92
#